data_5YP5
#
_entry.id   5YP5
#
_cell.length_a   62.069
_cell.length_b   62.069
_cell.length_c   154.818
_cell.angle_alpha   90.00
_cell.angle_beta   90.00
_cell.angle_gamma   90.00
#
_symmetry.space_group_name_H-M   'P 41 21 2'
#
loop_
_entity.id
_entity.type
_entity.pdbx_description
1 polymer 'Nuclear receptor ROR-gamma'
2 polymer 'SRC2-2 peptide'
3 non-polymer 2-[4-(ethylsulfonyl)phenyl]-N-{5-[2-(2-methylpropyl)benzoyl]-4-phenyl-1,3-thiazol-2-yl}acetamide
4 water water
#
loop_
_entity_poly.entity_id
_entity_poly.type
_entity_poly.pdbx_seq_one_letter_code
_entity_poly.pdbx_strand_id
1 'polypeptide(L)'
;ASLTEIEHLVQSVCKSYRETCQLRLEDLLRQRSNIFSREEVTGYQRKSMWEMWERCAHHLTEAIQYVVEFAKRLSGFMEL
CQNDQIVLLKAGAMEVVLVRMCRAYNADNRTVFFEGKYGGMELFRALGCSELISSIFDFSHSLSALHFSEDEIALYTALV
LINAHRPGLQEKRKVEQLQYNLELAFHHHLCKTHRQSILAKLPPKGKLRSLCSQHVERLQIFQHLHPIVVQAAFPPLYKE
LFS
;
A
2 'polypeptide(L)' KILHRLLQ B
#
loop_
_chem_comp.id
_chem_comp.type
_chem_comp.name
_chem_comp.formula
4CZ non-polymer 2-[4-(ethylsulfonyl)phenyl]-N-{5-[2-(2-methylpropyl)benzoyl]-4-phenyl-1,3-thiazol-2-yl}acetamide 'C30 H30 N2 O4 S2'
#
# COMPACT_ATOMS: atom_id res chain seq x y z
N ALA A 1 -23.83 15.18 7.36
CA ALA A 1 -22.82 16.27 7.36
C ALA A 1 -23.33 17.59 6.74
N SER A 2 -22.39 18.50 6.46
CA SER A 2 -22.66 19.75 5.75
C SER A 2 -21.44 20.09 4.89
N LEU A 3 -21.57 21.06 3.99
CA LEU A 3 -20.51 21.38 3.03
C LEU A 3 -19.17 21.74 3.70
N THR A 4 -19.25 22.32 4.90
CA THR A 4 -18.06 22.78 5.63
C THR A 4 -17.33 21.65 6.37
N GLU A 5 -18.11 20.70 6.90
CA GLU A 5 -17.57 19.54 7.63
C GLU A 5 -16.83 18.59 6.69
N ILE A 6 -17.31 18.48 5.46
CA ILE A 6 -16.69 17.64 4.43
C ILE A 6 -15.35 18.20 3.99
N GLU A 7 -15.30 19.50 3.71
CA GLU A 7 -14.04 20.12 3.34
C GLU A 7 -13.04 20.02 4.48
N HIS A 8 -13.53 20.13 5.72
CA HIS A 8 -12.66 19.92 6.89
C HIS A 8 -12.07 18.51 6.91
N LEU A 9 -12.90 17.53 6.56
CA LEU A 9 -12.47 16.14 6.44
C LEU A 9 -11.46 15.96 5.31
N VAL A 10 -11.66 16.67 4.20
CA VAL A 10 -10.74 16.61 3.07
C VAL A 10 -9.33 17.01 3.53
N GLN A 11 -9.22 18.16 4.19
CA GLN A 11 -7.92 18.66 4.61
C GLN A 11 -7.30 17.80 5.72
N SER A 12 -8.13 17.26 6.60
CA SER A 12 -7.65 16.44 7.70
C SER A 12 -7.07 15.11 7.23
N VAL A 13 -7.70 14.51 6.21
CA VAL A 13 -7.21 13.26 5.59
C VAL A 13 -5.91 13.56 4.85
N CYS A 14 -5.92 14.59 4.00
CA CYS A 14 -4.74 15.02 3.26
C CYS A 14 -3.56 15.32 4.19
N LYS A 15 -3.86 15.91 5.33
CA LYS A 15 -2.87 16.17 6.38
C LYS A 15 -2.34 14.87 6.96
N SER A 16 -3.27 13.96 7.29
CA SER A 16 -2.93 12.66 7.88
C SER A 16 -2.02 11.85 6.97
N TYR A 17 -2.21 12.01 5.67
CA TYR A 17 -1.39 11.34 4.68
C TYR A 17 0.00 11.96 4.56
N ARG A 18 0.05 13.29 4.43
CA ARG A 18 1.34 14.00 4.34
C ARG A 18 2.28 13.61 5.48
N GLU A 19 1.74 13.52 6.69
CA GLU A 19 2.50 13.21 7.90
C GLU A 19 3.00 11.76 7.97
N THR A 20 2.50 10.90 7.08
CA THR A 20 2.80 9.46 7.12
C THR A 20 3.11 8.86 5.75
N CYS A 21 3.45 9.70 4.77
CA CYS A 21 3.61 9.24 3.39
C CYS A 21 4.94 8.51 3.13
N GLN A 22 5.79 8.44 4.16
CA GLN A 22 7.07 7.71 4.14
C GLN A 22 8.17 8.48 3.40
N LEU A 23 7.98 8.67 2.10
CA LEU A 23 8.89 9.45 1.28
C LEU A 23 8.13 10.49 0.50
N ARG A 24 8.57 11.74 0.60
CA ARG A 24 8.02 12.85 -0.17
C ARG A 24 8.12 12.57 -1.67
N LEU A 25 7.07 12.91 -2.41
CA LEU A 25 7.01 12.68 -3.86
C LEU A 25 8.21 13.30 -4.60
N GLU A 26 8.62 14.49 -4.18
CA GLU A 26 9.76 15.19 -4.77
C GLU A 26 11.01 14.33 -4.67
N ASP A 27 11.22 13.72 -3.49
CA ASP A 27 12.36 12.83 -3.26
C ASP A 27 12.39 11.68 -4.24
N LEU A 28 11.23 11.11 -4.54
CA LEU A 28 11.15 9.99 -5.47
C LEU A 28 11.39 10.44 -6.90
N LEU A 29 10.84 11.61 -7.25
CA LEU A 29 10.99 12.17 -8.59
C LEU A 29 12.42 12.62 -8.87
N ARG A 30 13.09 13.20 -7.87
CA ARG A 30 14.48 13.64 -8.02
C ARG A 30 15.44 12.48 -8.29
N GLN A 31 15.04 11.28 -7.88
CA GLN A 31 15.88 10.08 -7.95
C GLN A 31 15.70 9.24 -9.22
N ARG A 32 14.89 9.74 -10.15
CA ARG A 32 14.50 8.97 -11.33
C ARG A 32 15.62 8.70 -12.34
N SER A 33 16.67 9.52 -12.31
CA SER A 33 17.90 9.31 -13.09
C SER A 33 18.85 8.28 -12.46
N ASN A 34 18.63 7.98 -11.19
CA ASN A 34 19.44 7.02 -10.45
C ASN A 34 18.99 5.56 -10.70
N ILE A 35 19.51 4.97 -11.78
CA ILE A 35 19.09 3.63 -12.23
C ILE A 35 20.20 2.61 -12.00
N PHE A 36 19.84 1.41 -11.53
CA PHE A 36 20.80 0.33 -11.32
C PHE A 36 21.53 0.00 -12.61
N SER A 37 22.85 -0.17 -12.51
CA SER A 37 23.68 -0.56 -13.65
C SER A 37 23.41 -2.01 -14.03
N ARG A 38 23.86 -2.41 -15.23
CA ARG A 38 23.77 -3.81 -15.66
C ARG A 38 24.42 -4.75 -14.63
N GLU A 39 25.57 -4.32 -14.11
CA GLU A 39 26.32 -5.06 -13.09
C GLU A 39 25.53 -5.22 -11.80
N GLU A 40 24.78 -4.17 -11.42
CA GLU A 40 24.00 -4.22 -10.18
C GLU A 40 22.77 -5.11 -10.30
N VAL A 41 22.12 -5.06 -11.47
CA VAL A 41 20.98 -5.92 -11.76
C VAL A 41 21.38 -7.40 -11.69
N THR A 42 22.45 -7.76 -12.40
CA THR A 42 23.04 -9.09 -12.34
C THR A 42 23.34 -9.48 -10.90
N GLY A 43 23.86 -8.53 -10.14
CA GLY A 43 24.13 -8.71 -8.71
C GLY A 43 22.88 -9.07 -7.93
N TYR A 44 21.76 -8.44 -8.26
CA TYR A 44 20.49 -8.76 -7.63
C TYR A 44 19.99 -10.15 -8.01
N GLN A 45 20.20 -10.51 -9.28
CA GLN A 45 19.73 -11.80 -9.79
C GLN A 45 20.59 -12.97 -9.29
N ARG A 46 21.83 -12.66 -8.90
CA ARG A 46 22.78 -13.63 -8.31
C ARG A 46 22.49 -13.94 -6.84
N LYS A 47 21.75 -13.07 -6.15
CA LYS A 47 21.42 -13.28 -4.74
C LYS A 47 20.46 -14.45 -4.57
N SER A 48 20.48 -15.06 -3.37
CA SER A 48 19.64 -16.23 -3.14
C SER A 48 18.17 -15.81 -3.04
N MET A 49 17.29 -16.75 -3.35
CA MET A 49 15.84 -16.54 -3.26
C MET A 49 15.45 -16.04 -1.86
N TRP A 50 15.97 -16.71 -0.84
CA TRP A 50 15.61 -16.41 0.55
C TRP A 50 16.15 -15.05 1.05
N GLU A 51 17.40 -14.72 0.74
CA GLU A 51 17.91 -13.41 1.13
C GLU A 51 17.05 -12.30 0.52
N MET A 52 16.61 -12.55 -0.71
CA MET A 52 15.83 -11.61 -1.47
C MET A 52 14.42 -11.48 -0.93
N TRP A 53 13.82 -12.62 -0.55
CA TRP A 53 12.53 -12.63 0.14
C TRP A 53 12.61 -11.93 1.50
N GLU A 54 13.71 -12.15 2.20
CA GLU A 54 13.92 -11.49 3.47
C GLU A 54 13.93 -9.96 3.31
N ARG A 55 14.66 -9.48 2.30
CA ARG A 55 14.78 -8.04 2.04
C ARG A 55 13.45 -7.40 1.66
N CYS A 56 12.69 -8.07 0.82
CA CYS A 56 11.37 -7.58 0.44
C CYS A 56 10.43 -7.56 1.65
N ALA A 57 10.51 -8.58 2.51
CA ALA A 57 9.69 -8.61 3.71
C ALA A 57 9.95 -7.38 4.57
N HIS A 58 11.23 -7.07 4.77
CA HIS A 58 11.65 -5.94 5.61
C HIS A 58 11.20 -4.59 5.07
N HIS A 59 11.27 -4.41 3.75
CA HIS A 59 10.85 -3.15 3.13
C HIS A 59 9.33 -2.99 3.12
N LEU A 60 8.65 -4.12 2.95
CA LEU A 60 7.20 -4.18 2.98
C LEU A 60 6.69 -3.78 4.37
N THR A 61 7.39 -4.26 5.39
CA THR A 61 7.02 -3.97 6.78
C THR A 61 7.20 -2.49 7.11
N GLU A 62 8.32 -1.92 6.67
CA GLU A 62 8.59 -0.48 6.78
C GLU A 62 7.42 0.33 6.23
N ALA A 63 7.05 0.03 4.99
CA ALA A 63 5.95 0.70 4.31
C ALA A 63 4.64 0.57 5.07
N ILE A 64 4.34 -0.65 5.53
CA ILE A 64 3.12 -0.93 6.28
C ILE A 64 3.05 -0.14 7.59
N GLN A 65 4.19 -0.01 8.27
CA GLN A 65 4.28 0.76 9.51
C GLN A 65 3.83 2.20 9.36
N TYR A 66 4.10 2.78 8.20
CA TYR A 66 3.60 4.12 7.87
C TYR A 66 2.09 4.11 7.63
N VAL A 67 1.57 3.01 7.07
CA VAL A 67 0.13 2.87 6.87
C VAL A 67 -0.60 2.70 8.22
N VAL A 68 0.01 1.94 9.14
CA VAL A 68 -0.51 1.84 10.51
C VAL A 68 -0.64 3.25 11.14
N GLU A 69 0.43 4.03 11.05
CA GLU A 69 0.49 5.38 11.59
C GLU A 69 -0.47 6.34 10.88
N PHE A 70 -0.70 6.09 9.59
CA PHE A 70 -1.70 6.83 8.81
C PHE A 70 -3.10 6.56 9.36
N ALA A 71 -3.44 5.28 9.54
CA ALA A 71 -4.71 4.88 10.13
C ALA A 71 -4.92 5.49 11.52
N LYS A 72 -3.90 5.43 12.36
CA LYS A 72 -3.98 6.03 13.69
C LYS A 72 -4.28 7.54 13.62
N ARG A 73 -3.75 8.19 12.60
CA ARG A 73 -4.02 9.60 12.40
C ARG A 73 -5.30 9.89 11.63
N LEU A 74 -5.83 8.85 10.98
CA LEU A 74 -7.05 8.98 10.20
C LEU A 74 -8.27 9.17 11.09
N SER A 75 -9.05 10.19 10.74
CA SER A 75 -10.22 10.63 11.53
C SER A 75 -11.27 9.53 11.69
N GLY A 76 -11.62 9.22 12.94
CA GLY A 76 -12.64 8.21 13.22
C GLY A 76 -12.14 6.78 13.32
N PHE A 77 -10.93 6.53 12.83
CA PHE A 77 -10.32 5.20 12.94
C PHE A 77 -10.16 4.75 14.40
N MET A 78 -9.56 5.62 15.23
CA MET A 78 -9.33 5.31 16.64
C MET A 78 -10.63 5.26 17.47
N GLU A 79 -11.71 5.83 16.95
CA GLU A 79 -13.00 5.76 17.63
C GLU A 79 -13.71 4.41 17.40
N LEU A 80 -13.25 3.63 16.40
CA LEU A 80 -13.73 2.26 16.21
C LEU A 80 -13.12 1.35 17.27
N CYS A 81 -13.68 0.16 17.43
CA CYS A 81 -13.21 -0.77 18.45
C CYS A 81 -11.90 -1.44 18.05
N GLN A 82 -11.13 -1.86 19.05
CA GLN A 82 -9.83 -2.53 18.87
C GLN A 82 -9.89 -3.71 17.89
N ASN A 83 -11.00 -4.46 17.91
CA ASN A 83 -11.17 -5.57 16.98
C ASN A 83 -11.25 -5.12 15.53
N ASP A 84 -12.00 -4.05 15.30
CA ASP A 84 -12.26 -3.55 13.95
C ASP A 84 -11.04 -2.89 13.33
N GLN A 85 -10.31 -2.14 14.15
CA GLN A 85 -9.05 -1.52 13.74
C GLN A 85 -8.11 -2.58 13.18
N ILE A 86 -7.96 -3.68 13.91
CA ILE A 86 -7.09 -4.80 13.52
C ILE A 86 -7.58 -5.49 12.25
N VAL A 87 -8.88 -5.78 12.19
CA VAL A 87 -9.48 -6.36 11.00
C VAL A 87 -9.14 -5.48 9.79
N LEU A 88 -9.44 -4.19 9.89
CA LEU A 88 -9.22 -3.26 8.77
C LEU A 88 -7.77 -3.18 8.30
N LEU A 89 -6.84 -3.30 9.24
CA LEU A 89 -5.42 -3.21 8.94
C LEU A 89 -4.87 -4.52 8.33
N LYS A 90 -5.42 -5.65 8.77
CA LYS A 90 -5.00 -6.95 8.23
C LYS A 90 -5.38 -7.11 6.76
N ALA A 91 -6.54 -6.58 6.39
CA ALA A 91 -7.03 -6.70 5.01
C ALA A 91 -6.56 -5.57 4.09
N GLY A 92 -6.48 -4.35 4.64
CA GLY A 92 -6.28 -3.16 3.82
C GLY A 92 -4.90 -2.54 3.82
N ALA A 93 -4.10 -2.88 4.83
CA ALA A 93 -2.75 -2.32 4.97
C ALA A 93 -1.91 -2.55 3.72
N MET A 94 -1.89 -3.79 3.23
CA MET A 94 -1.09 -4.17 2.06
C MET A 94 -1.63 -3.52 0.79
N GLU A 95 -2.95 -3.40 0.72
CA GLU A 95 -3.63 -2.75 -0.40
C GLU A 95 -3.28 -1.28 -0.48
N VAL A 96 -3.24 -0.60 0.67
CA VAL A 96 -2.83 0.81 0.75
C VAL A 96 -1.38 0.99 0.29
N VAL A 97 -0.48 0.12 0.76
CA VAL A 97 0.91 0.12 0.29
C VAL A 97 0.94 -0.06 -1.23
N LEU A 98 0.19 -1.03 -1.74
CA LEU A 98 0.12 -1.26 -3.19
C LEU A 98 -0.22 0.02 -3.95
N VAL A 99 -1.21 0.77 -3.48
CA VAL A 99 -1.59 2.06 -4.08
C VAL A 99 -0.46 3.11 -3.93
N ARG A 100 0.10 3.22 -2.73
CA ARG A 100 1.19 4.17 -2.48
C ARG A 100 2.40 3.88 -3.37
N MET A 101 2.59 2.62 -3.74
CA MET A 101 3.77 2.20 -4.50
C MET A 101 3.86 2.84 -5.90
N CYS A 102 2.74 3.33 -6.41
CA CYS A 102 2.72 3.95 -7.74
C CYS A 102 3.45 5.29 -7.76
N ARG A 103 3.66 5.86 -6.57
CA ARG A 103 4.46 7.06 -6.41
C ARG A 103 5.92 6.80 -6.73
N ALA A 104 6.39 5.62 -6.33
CA ALA A 104 7.76 5.18 -6.57
C ALA A 104 7.98 4.48 -7.92
N TYR A 105 6.95 4.49 -8.77
CA TYR A 105 7.03 3.83 -10.08
C TYR A 105 7.19 4.83 -11.22
N ASN A 106 8.16 4.58 -12.09
CA ASN A 106 8.42 5.44 -13.24
C ASN A 106 7.90 4.82 -14.53
N ALA A 107 6.80 5.36 -15.05
CA ALA A 107 6.13 4.81 -16.23
C ALA A 107 6.92 4.95 -17.53
N ASP A 108 7.89 5.88 -17.56
CA ASP A 108 8.69 6.09 -18.77
C ASP A 108 9.59 4.91 -19.12
N ASN A 109 10.25 4.34 -18.12
CA ASN A 109 11.17 3.21 -18.32
C ASN A 109 10.69 1.94 -17.62
N ARG A 110 9.51 2.03 -17.00
CA ARG A 110 8.86 0.89 -16.32
C ARG A 110 9.77 0.32 -15.23
N THR A 111 10.24 1.21 -14.36
CA THR A 111 11.07 0.85 -13.21
C THR A 111 10.40 1.29 -11.92
N VAL A 112 10.79 0.64 -10.82
CA VAL A 112 10.36 1.00 -9.48
C VAL A 112 11.56 1.45 -8.64
N PHE A 113 11.28 2.18 -7.56
CA PHE A 113 12.30 2.58 -6.61
C PHE A 113 12.46 1.47 -5.58
N PHE A 114 13.71 1.07 -5.35
CA PHE A 114 14.00 -0.05 -4.48
C PHE A 114 15.43 0.09 -4.01
N GLU A 115 15.60 0.20 -2.69
CA GLU A 115 16.94 0.23 -2.09
C GLU A 115 17.87 1.29 -2.70
N GLY A 116 17.37 2.51 -2.83
CA GLY A 116 18.19 3.67 -3.20
C GLY A 116 18.30 4.01 -4.67
N LYS A 117 17.86 3.09 -5.54
CA LYS A 117 17.96 3.27 -6.99
C LYS A 117 16.74 2.66 -7.69
N TYR A 118 16.52 3.05 -8.94
CA TYR A 118 15.43 2.53 -9.75
C TYR A 118 15.88 1.33 -10.58
N GLY A 119 15.07 0.28 -10.58
CA GLY A 119 15.31 -0.89 -11.43
C GLY A 119 14.00 -1.46 -11.97
N GLY A 120 14.09 -2.10 -13.13
CA GLY A 120 12.94 -2.76 -13.76
C GLY A 120 12.58 -4.07 -13.06
N MET A 121 11.66 -4.83 -13.66
CA MET A 121 11.19 -6.04 -12.99
C MET A 121 12.19 -7.20 -12.98
N GLU A 122 13.14 -7.18 -13.90
CA GLU A 122 14.19 -8.21 -13.92
C GLU A 122 15.03 -8.22 -12.64
N LEU A 123 15.08 -7.09 -11.95
CA LEU A 123 15.78 -6.96 -10.67
C LEU A 123 15.33 -7.99 -9.62
N PHE A 124 14.08 -8.44 -9.75
CA PHE A 124 13.40 -9.24 -8.73
C PHE A 124 13.32 -10.72 -9.10
N ARG A 125 14.15 -11.13 -10.05
CA ARG A 125 14.03 -12.46 -10.63
C ARG A 125 14.40 -13.59 -9.65
N ALA A 126 15.26 -13.29 -8.69
CA ALA A 126 15.68 -14.31 -7.71
C ALA A 126 14.53 -14.81 -6.83
N LEU A 127 13.47 -14.00 -6.72
CA LEU A 127 12.32 -14.34 -5.89
C LEU A 127 11.55 -15.56 -6.39
N GLY A 128 11.64 -15.81 -7.70
CA GLY A 128 10.93 -16.91 -8.33
C GLY A 128 9.44 -16.76 -8.17
N CYS A 129 8.94 -15.56 -8.47
CA CYS A 129 7.50 -15.32 -8.55
C CYS A 129 7.20 -14.26 -9.60
N SER A 130 7.52 -14.59 -10.85
CA SER A 130 7.41 -13.64 -11.96
C SER A 130 6.00 -13.14 -12.25
N GLU A 131 5.00 -14.00 -12.05
CA GLU A 131 3.60 -13.62 -12.29
C GLU A 131 3.13 -12.53 -11.32
N LEU A 132 3.47 -12.68 -10.04
CA LEU A 132 3.20 -11.64 -9.05
C LEU A 132 3.89 -10.32 -9.39
N ILE A 133 5.18 -10.39 -9.71
CA ILE A 133 5.98 -9.22 -10.06
C ILE A 133 5.36 -8.44 -11.23
N SER A 134 5.03 -9.14 -12.31
CA SER A 134 4.34 -8.56 -13.47
C SER A 134 3.03 -7.90 -13.07
N SER A 135 2.24 -8.58 -12.25
CA SER A 135 0.96 -8.05 -11.80
C SER A 135 1.16 -6.72 -11.07
N ILE A 136 2.07 -6.70 -10.10
CA ILE A 136 2.38 -5.47 -9.37
C ILE A 136 2.80 -4.35 -10.34
N PHE A 137 3.71 -4.67 -11.26
CA PHE A 137 4.15 -3.70 -12.25
C PHE A 137 3.01 -3.20 -13.13
N ASP A 138 2.12 -4.10 -13.54
CA ASP A 138 0.94 -3.74 -14.34
C ASP A 138 0.03 -2.82 -13.55
N PHE A 139 -0.22 -3.19 -12.30
CA PHE A 139 -1.04 -2.38 -11.40
C PHE A 139 -0.52 -0.94 -11.27
N SER A 140 0.79 -0.79 -11.02
CA SER A 140 1.38 0.53 -10.85
C SER A 140 1.35 1.30 -12.17
N HIS A 141 1.54 0.58 -13.28
CA HIS A 141 1.45 1.21 -14.60
C HIS A 141 0.05 1.78 -14.83
N SER A 142 -0.96 1.01 -14.45
CA SER A 142 -2.36 1.41 -14.59
C SER A 142 -2.74 2.59 -13.68
N LEU A 143 -2.16 2.63 -12.48
CA LEU A 143 -2.38 3.77 -11.57
C LEU A 143 -1.66 5.04 -12.03
N SER A 144 -0.45 4.89 -12.56
CA SER A 144 0.34 6.03 -13.02
C SER A 144 -0.33 6.74 -14.19
N ALA A 145 -1.05 5.97 -15.01
CA ALA A 145 -1.83 6.52 -16.12
C ALA A 145 -3.00 7.40 -15.66
N LEU A 146 -3.18 7.50 -14.33
CA LEU A 146 -4.23 8.36 -13.77
C LEU A 146 -3.70 9.72 -13.30
N HIS A 147 -2.38 9.84 -13.26
CA HIS A 147 -1.70 11.06 -12.83
C HIS A 147 -2.25 11.60 -11.51
N PHE A 148 -2.21 10.73 -10.49
CA PHE A 148 -2.67 11.05 -9.14
C PHE A 148 -1.87 12.18 -8.53
N SER A 149 -2.57 13.13 -7.92
CA SER A 149 -1.97 14.09 -7.01
C SER A 149 -1.85 13.43 -5.65
N GLU A 150 -1.05 14.02 -4.78
CA GLU A 150 -0.89 13.53 -3.43
C GLU A 150 -2.21 13.54 -2.64
N ASP A 151 -2.96 14.64 -2.75
CA ASP A 151 -4.26 14.78 -2.11
C ASP A 151 -5.24 13.68 -2.55
N GLU A 152 -5.21 13.34 -3.84
CA GLU A 152 -6.05 12.28 -4.37
C GLU A 152 -5.67 10.93 -3.78
N ILE A 153 -4.36 10.68 -3.68
CA ILE A 153 -3.85 9.45 -3.10
C ILE A 153 -4.24 9.33 -1.63
N ALA A 154 -4.12 10.44 -0.90
CA ALA A 154 -4.53 10.50 0.50
C ALA A 154 -5.98 10.06 0.70
N LEU A 155 -6.87 10.60 -0.13
CA LEU A 155 -8.31 10.36 0.01
C LEU A 155 -8.75 8.97 -0.48
N TYR A 156 -8.09 8.49 -1.53
CA TYR A 156 -8.37 7.17 -2.07
C TYR A 156 -7.85 6.06 -1.15
N THR A 157 -6.69 6.30 -0.53
CA THR A 157 -6.12 5.33 0.42
C THR A 157 -6.93 5.24 1.72
N ALA A 158 -7.51 6.37 2.14
CA ALA A 158 -8.38 6.39 3.31
C ALA A 158 -9.54 5.43 3.06
N LEU A 159 -10.08 5.51 1.85
CA LEU A 159 -11.20 4.67 1.44
C LEU A 159 -10.85 3.19 1.29
N VAL A 160 -9.66 2.91 0.77
CA VAL A 160 -9.22 1.53 0.64
C VAL A 160 -9.21 0.88 2.02
N LEU A 161 -8.73 1.63 3.02
CA LEU A 161 -8.60 1.11 4.37
C LEU A 161 -9.95 1.01 5.07
N ILE A 162 -10.73 2.08 5.04
CA ILE A 162 -12.01 2.13 5.73
C ILE A 162 -13.07 1.48 4.85
N ASN A 163 -13.05 0.15 4.84
CA ASN A 163 -13.94 -0.65 4.00
C ASN A 163 -14.89 -1.44 4.89
N ALA A 164 -16.17 -1.04 4.89
CA ALA A 164 -17.18 -1.64 5.75
C ALA A 164 -17.60 -3.08 5.40
N HIS A 165 -17.12 -3.60 4.27
CA HIS A 165 -17.45 -4.96 3.85
C HIS A 165 -16.52 -6.05 4.42
N ARG A 166 -15.40 -5.65 5.03
CA ARG A 166 -14.41 -6.60 5.57
C ARG A 166 -15.07 -7.62 6.50
N PRO A 167 -14.76 -8.91 6.33
CA PRO A 167 -15.30 -9.92 7.24
C PRO A 167 -14.69 -9.75 8.63
N GLY A 168 -15.52 -9.88 9.66
CA GLY A 168 -15.03 -9.86 11.04
C GLY A 168 -15.31 -8.57 11.78
N LEU A 169 -15.94 -7.61 11.10
CA LEU A 169 -16.30 -6.34 11.70
C LEU A 169 -17.48 -6.46 12.65
N GLN A 170 -17.28 -6.00 13.89
CA GLN A 170 -18.30 -6.07 14.93
C GLN A 170 -19.26 -4.89 14.87
N GLU A 171 -18.71 -3.69 14.71
CA GLU A 171 -19.51 -2.48 14.55
C GLU A 171 -19.56 -2.09 13.07
N LYS A 172 -20.28 -2.88 12.28
CA LYS A 172 -20.33 -2.71 10.83
C LYS A 172 -20.96 -1.37 10.45
N ARG A 173 -22.10 -1.06 11.05
CA ARG A 173 -22.81 0.21 10.82
C ARG A 173 -21.91 1.41 11.11
N LYS A 174 -21.12 1.32 12.19
CA LYS A 174 -20.22 2.40 12.58
C LYS A 174 -19.14 2.61 11.50
N VAL A 175 -18.68 1.52 10.89
CA VAL A 175 -17.69 1.60 9.80
C VAL A 175 -18.35 2.09 8.50
N GLU A 176 -19.58 1.66 8.22
CA GLU A 176 -20.36 2.18 7.09
C GLU A 176 -20.48 3.72 7.14
N GLN A 177 -20.69 4.25 8.35
CA GLN A 177 -20.85 5.70 8.56
C GLN A 177 -19.60 6.47 8.17
N LEU A 178 -18.45 6.02 8.69
CA LEU A 178 -17.16 6.63 8.38
C LEU A 178 -16.82 6.52 6.89
N GLN A 179 -17.00 5.32 6.33
CA GLN A 179 -16.79 5.07 4.90
C GLN A 179 -17.50 6.11 4.05
N TYR A 180 -18.78 6.34 4.36
CA TYR A 180 -19.64 7.24 3.58
C TYR A 180 -19.15 8.69 3.65
N ASN A 181 -18.66 9.09 4.83
CA ASN A 181 -18.06 10.40 5.02
C ASN A 181 -16.80 10.61 4.17
N LEU A 182 -15.92 9.61 4.16
CA LEU A 182 -14.69 9.68 3.38
C LEU A 182 -14.97 9.63 1.88
N GLU A 183 -15.97 8.83 1.50
CA GLU A 183 -16.50 8.82 0.13
C GLU A 183 -16.94 10.22 -0.31
N LEU A 184 -17.74 10.87 0.53
CA LEU A 184 -18.16 12.24 0.26
C LEU A 184 -16.97 13.19 0.13
N ALA A 185 -15.98 13.02 1.01
CA ALA A 185 -14.77 13.87 1.01
C ALA A 185 -13.99 13.72 -0.30
N PHE A 186 -13.69 12.46 -0.66
CA PHE A 186 -13.04 12.12 -1.92
C PHE A 186 -13.80 12.69 -3.11
N HIS A 187 -15.08 12.36 -3.20
CA HIS A 187 -15.89 12.72 -4.36
C HIS A 187 -16.11 14.23 -4.45
N HIS A 188 -16.25 14.87 -3.28
CA HIS A 188 -16.31 16.34 -3.22
C HIS A 188 -15.03 17.00 -3.76
N HIS A 189 -13.88 16.52 -3.31
CA HIS A 189 -12.59 17.00 -3.81
C HIS A 189 -12.43 16.81 -5.33
N LEU A 190 -12.91 15.69 -5.84
CA LEU A 190 -12.88 15.41 -7.29
C LEU A 190 -13.80 16.34 -8.07
N CYS A 191 -14.99 16.58 -7.53
CA CYS A 191 -15.90 17.54 -8.12
C CYS A 191 -15.24 18.92 -8.15
N LYS A 192 -14.78 19.39 -6.99
CA LYS A 192 -14.17 20.72 -6.85
C LYS A 192 -12.94 20.94 -7.75
N THR A 193 -12.18 19.88 -7.98
CA THR A 193 -10.94 19.94 -8.78
C THR A 193 -11.12 19.46 -10.23
N HIS A 194 -12.35 19.14 -10.60
CA HIS A 194 -12.70 18.79 -12.00
C HIS A 194 -12.00 17.51 -12.45
N ARG A 195 -11.95 16.55 -11.54
CA ARG A 195 -11.19 15.33 -11.75
C ARG A 195 -12.05 14.08 -11.55
N GLN A 196 -13.37 14.24 -11.69
CA GLN A 196 -14.33 13.15 -11.55
C GLN A 196 -14.21 12.10 -12.67
N SER A 197 -13.49 12.46 -13.73
CA SER A 197 -13.24 11.53 -14.83
C SER A 197 -12.49 10.27 -14.37
N ILE A 198 -11.82 10.34 -13.22
CA ILE A 198 -11.02 9.24 -12.69
C ILE A 198 -11.84 8.17 -11.97
N LEU A 199 -13.08 8.49 -11.59
CA LEU A 199 -13.95 7.55 -10.87
C LEU A 199 -14.10 6.23 -11.63
N ALA A 200 -14.34 6.35 -12.94
CA ALA A 200 -14.53 5.21 -13.83
C ALA A 200 -13.26 4.38 -14.02
N LYS A 201 -12.11 5.03 -13.85
CA LYS A 201 -10.80 4.46 -14.18
C LYS A 201 -10.05 3.83 -13.00
N LEU A 202 -10.58 4.00 -11.79
CA LEU A 202 -10.01 3.34 -10.60
C LEU A 202 -10.23 1.85 -10.71
N PRO A 203 -9.20 1.05 -10.35
CA PRO A 203 -9.31 -0.40 -10.48
C PRO A 203 -10.41 -0.97 -9.59
N PRO A 204 -11.07 -2.04 -10.05
CA PRO A 204 -12.03 -2.73 -9.19
C PRO A 204 -11.35 -3.22 -7.90
N LYS A 205 -12.13 -3.32 -6.82
CA LYS A 205 -11.64 -3.81 -5.52
C LYS A 205 -11.10 -5.23 -5.60
N GLY A 206 -11.63 -6.01 -6.56
CA GLY A 206 -11.20 -7.38 -6.80
C GLY A 206 -9.81 -7.51 -7.41
N LYS A 207 -9.32 -6.41 -7.97
CA LYS A 207 -7.96 -6.35 -8.50
C LYS A 207 -6.93 -6.26 -7.37
N LEU A 208 -7.20 -5.45 -6.35
CA LEU A 208 -6.32 -5.33 -5.18
C LEU A 208 -6.36 -6.60 -4.34
N ARG A 209 -7.56 -7.17 -4.22
CA ARG A 209 -7.77 -8.43 -3.53
C ARG A 209 -6.91 -9.51 -4.18
N SER A 210 -6.93 -9.55 -5.51
CA SER A 210 -6.19 -10.53 -6.30
C SER A 210 -4.68 -10.42 -6.05
N LEU A 211 -4.17 -9.20 -6.04
CA LEU A 211 -2.76 -8.95 -5.78
C LEU A 211 -2.33 -9.41 -4.39
N CYS A 212 -3.12 -9.07 -3.37
CA CYS A 212 -2.79 -9.49 -2.01
C CYS A 212 -2.86 -11.00 -1.88
N SER A 213 -3.86 -11.61 -2.51
CA SER A 213 -3.98 -13.07 -2.53
C SER A 213 -2.76 -13.73 -3.15
N GLN A 214 -2.35 -13.23 -4.31
CA GLN A 214 -1.12 -13.67 -4.99
C GLN A 214 0.10 -13.60 -4.09
N HIS A 215 0.23 -12.47 -3.38
CA HIS A 215 1.30 -12.26 -2.42
C HIS A 215 1.35 -13.36 -1.35
N VAL A 216 0.21 -13.63 -0.72
CA VAL A 216 0.10 -14.65 0.34
C VAL A 216 0.36 -16.06 -0.22
N GLU A 217 -0.11 -16.32 -1.44
CA GLU A 217 0.12 -17.60 -2.12
C GLU A 217 1.60 -17.83 -2.37
N ARG A 218 2.25 -16.85 -2.99
CA ARG A 218 3.68 -16.91 -3.27
C ARG A 218 4.53 -17.00 -2.00
N LEU A 219 4.10 -16.32 -0.93
CA LEU A 219 4.76 -16.41 0.36
C LEU A 219 4.68 -17.82 0.98
N GLN A 220 3.50 -18.44 0.92
CA GLN A 220 3.30 -19.79 1.45
C GLN A 220 4.08 -20.85 0.67
N ILE A 221 4.21 -20.64 -0.64
CA ILE A 221 5.08 -21.47 -1.46
C ILE A 221 6.52 -21.38 -0.96
N PHE A 222 6.96 -20.16 -0.65
CA PHE A 222 8.31 -19.89 -0.21
C PHE A 222 8.61 -20.36 1.20
N GLN A 223 7.65 -20.14 2.10
CA GLN A 223 7.76 -20.57 3.48
C GLN A 223 7.89 -22.09 3.58
N HIS A 224 7.15 -22.81 2.74
CA HIS A 224 7.24 -24.27 2.71
C HIS A 224 8.65 -24.72 2.36
N LEU A 225 9.30 -23.98 1.46
CA LEU A 225 10.68 -24.26 1.06
C LEU A 225 11.70 -23.91 2.13
N HIS A 226 11.51 -22.76 2.78
CA HIS A 226 12.45 -22.28 3.80
C HIS A 226 11.73 -21.88 5.09
N PRO A 227 11.28 -22.87 5.88
CA PRO A 227 10.47 -22.53 7.07
C PRO A 227 11.26 -21.69 8.08
N ILE A 228 12.49 -22.11 8.36
CA ILE A 228 13.32 -21.50 9.39
C ILE A 228 13.71 -20.05 9.07
N VAL A 229 13.86 -19.75 7.78
CA VAL A 229 14.17 -18.39 7.34
C VAL A 229 13.06 -17.44 7.77
N VAL A 230 11.82 -17.80 7.43
CA VAL A 230 10.64 -17.03 7.81
C VAL A 230 10.52 -16.94 9.34
N GLN A 231 10.76 -18.07 10.01
CA GLN A 231 10.72 -18.11 11.45
C GLN A 231 11.75 -17.18 12.09
N ALA A 232 12.98 -17.19 11.56
CA ALA A 232 14.12 -16.53 12.20
C ALA A 232 14.50 -15.14 11.69
N ALA A 233 14.15 -14.81 10.45
CA ALA A 233 14.69 -13.61 9.82
C ALA A 233 13.64 -12.68 9.19
N PHE A 234 12.38 -13.14 9.16
CA PHE A 234 11.28 -12.33 8.67
C PHE A 234 10.75 -11.45 9.80
N PRO A 235 10.29 -10.22 9.46
CA PRO A 235 9.75 -9.32 10.49
C PRO A 235 8.50 -9.91 11.12
N PRO A 236 8.36 -9.79 12.45
CA PRO A 236 7.19 -10.32 13.14
C PRO A 236 5.87 -9.75 12.60
N LEU A 237 5.83 -8.44 12.37
CA LEU A 237 4.62 -7.79 11.86
C LEU A 237 4.18 -8.39 10.53
N TYR A 238 5.16 -8.65 9.67
CA TYR A 238 4.91 -9.21 8.35
C TYR A 238 4.30 -10.60 8.49
N LYS A 239 4.91 -11.43 9.35
CA LYS A 239 4.38 -12.76 9.65
C LYS A 239 2.95 -12.70 10.20
N GLU A 240 2.69 -11.69 11.03
CA GLU A 240 1.38 -11.49 11.64
C GLU A 240 0.28 -11.19 10.62
N LEU A 241 0.60 -10.35 9.63
CA LEU A 241 -0.36 -9.99 8.58
C LEU A 241 -0.52 -11.07 7.51
N PHE A 242 0.57 -11.77 7.18
CA PHE A 242 0.63 -12.57 5.97
C PHE A 242 0.72 -14.10 6.13
N SER A 243 1.19 -14.58 7.28
CA SER A 243 1.18 -16.02 7.57
C SER A 243 0.65 -16.33 8.97
N LYS B 1 -0.63 -9.43 18.04
CA LYS B 1 0.63 -9.25 18.82
C LYS B 1 1.30 -7.87 18.56
N ILE B 2 1.88 -7.69 17.37
CA ILE B 2 2.60 -6.44 17.03
C ILE B 2 1.65 -5.28 16.73
N LEU B 3 0.56 -5.57 16.03
CA LEU B 3 -0.47 -4.58 15.71
C LEU B 3 -1.02 -3.90 16.97
N HIS B 4 -1.35 -4.70 17.98
CA HIS B 4 -1.84 -4.21 19.28
C HIS B 4 -0.88 -3.19 19.89
N ARG B 5 0.42 -3.50 19.83
CA ARG B 5 1.47 -2.65 20.37
C ARG B 5 1.59 -1.33 19.62
N LEU B 6 1.45 -1.40 18.29
CA LEU B 6 1.54 -0.21 17.44
C LEU B 6 0.35 0.74 17.64
N LEU B 7 -0.81 0.19 17.96
CA LEU B 7 -2.03 0.97 18.12
C LEU B 7 -2.21 1.59 19.51
N GLN B 8 -1.56 1.01 20.52
CA GLN B 8 -1.62 1.50 21.90
C GLN B 8 -0.67 2.69 22.15
N1 4CZ C . 10.55 -0.32 -2.72
C4 4CZ C . 9.00 4.23 -0.06
C5 4CZ C . 10.08 3.36 -0.20
C6 4CZ C . 10.19 2.55 -1.34
C7 4CZ C . 11.26 1.65 -1.50
C8 4CZ C . 10.68 0.23 -1.50
C10 4CZ C . 9.07 -3.27 -3.98
C13 4CZ C . 7.10 -5.15 -2.55
C15 4CZ C . 4.86 -4.33 -3.06
C17 4CZ C . 5.26 -6.71 -2.92
C20 4CZ C . 6.98 -8.89 -3.06
C21 4CZ C . 7.37 -10.08 -2.18
C22 4CZ C . 7.61 -9.05 -4.45
C24 4CZ C . 8.81 -5.29 -5.26
C26 4CZ C . 7.70 -5.20 -7.40
C28 4CZ C . 7.99 -3.19 -6.08
C19 4CZ C . 7.47 -7.58 -2.42
C18 4CZ C . 6.62 -6.49 -2.64
C16 4CZ C . 4.39 -5.64 -3.14
C14 4CZ C . 6.20 -4.10 -2.77
C12 4CZ C . 8.44 -4.85 -2.24
O4 4CZ C . 9.10 -5.54 -1.46
C11 4CZ C . 8.95 -3.70 -2.71
S2 4CZ C . 9.58 -2.56 -1.70
C23 4CZ C . 8.64 -3.91 -5.08
C27 4CZ C . 7.53 -3.82 -7.24
C25 4CZ C . 8.34 -5.92 -6.41
N2 4CZ C . 9.63 -2.03 -4.06
C9 4CZ C . 9.99 -1.52 -2.87
O3 4CZ C . 10.35 -0.32 -0.45
C29 4CZ C . 9.20 2.61 -2.33
C30 4CZ C . 8.11 3.46 -2.18
C3 4CZ C . 8.00 4.29 -1.06
S1 4CZ C . 6.56 5.39 -0.92
O1 4CZ C . 6.95 6.73 -0.26
O2 4CZ C . 5.96 5.62 -2.30
C2 4CZ C . 5.31 4.56 0.13
C1 4CZ C . 5.08 3.14 -0.40
#